data_7DOX
#
_entry.id   7DOX
#
_cell.length_a   119.136
_cell.length_b   119.136
_cell.length_c   39.812
_cell.angle_alpha   90.000
_cell.angle_beta   90.000
_cell.angle_gamma   120.000
#
_symmetry.space_group_name_H-M   'P 61'
#
loop_
_entity.id
_entity.type
_entity.pdbx_description
1 polymer 'Guanosine deaminase'
2 non-polymer 'ZINC ION'
3 non-polymer 7-METHYLGUANOSINE
4 water water
#
_entity_poly.entity_id   1
_entity_poly.type   'polypeptide(L)'
_entity_poly.pdbx_seq_one_letter_code
;GPHMSDHKFLTQAVEEAYKGVDCGDGGPFGAVIVHNNEVVASCHNMVLKYTDPTAHAEVTAIREACKKLNKIELSECEIY
ASCEPCPMCFGAIHLSRLKRLVYGAKAEAAIAIGFDDFIADALRGTGVYQKSSLEIKKADGNGAAIAEQVFQNTKEKFRL
Y
;
_entity_poly.pdbx_strand_id   A,D
#
loop_
_chem_comp.id
_chem_comp.type
_chem_comp.name
_chem_comp.formula
MG7 non-polymer 7-METHYLGUANOSINE 'C11 H16 N5 O5 1'
ZN non-polymer 'ZINC ION' 'Zn 2'
#
# COMPACT_ATOMS: atom_id res chain seq x y z
N SER A 5 -17.93 18.39 12.08
CA SER A 5 -18.01 17.02 11.57
C SER A 5 -16.63 16.41 11.39
N ASP A 6 -15.64 17.21 10.98
CA ASP A 6 -14.26 16.74 10.96
C ASP A 6 -13.87 16.17 12.32
N HIS A 7 -14.18 16.89 13.40
CA HIS A 7 -13.80 16.41 14.72
C HIS A 7 -14.52 15.11 15.09
N LYS A 8 -15.79 15.00 14.73
CA LYS A 8 -16.54 13.78 15.02
C LYS A 8 -15.92 12.55 14.34
N PHE A 9 -15.58 12.67 13.06
CA PHE A 9 -15.08 11.52 12.33
C PHE A 9 -13.61 11.22 12.67
N LEU A 10 -12.80 12.26 12.89
CA LEU A 10 -11.46 12.00 13.43
C LEU A 10 -11.51 11.31 14.79
N THR A 11 -12.45 11.72 15.65
CA THR A 11 -12.54 11.05 16.94
C THR A 11 -13.01 9.60 16.79
N GLN A 12 -13.86 9.33 15.80
CA GLN A 12 -14.21 7.93 15.53
C GLN A 12 -12.99 7.13 15.04
N ALA A 13 -12.14 7.74 14.22
CA ALA A 13 -10.93 7.00 13.79
C ALA A 13 -10.05 6.70 15.00
N VAL A 14 -9.96 7.64 15.95
CA VAL A 14 -9.16 7.40 17.15
C VAL A 14 -9.77 6.30 18.02
N GLU A 15 -11.10 6.32 18.18
CA GLU A 15 -11.81 5.23 18.84
C GLU A 15 -11.48 3.88 18.22
N GLU A 16 -11.50 3.83 16.88
CA GLU A 16 -11.09 2.58 16.22
C GLU A 16 -9.69 2.18 16.62
N ALA A 17 -8.76 3.14 16.69
CA ALA A 17 -7.40 2.78 17.12
C ALA A 17 -7.41 2.11 18.50
N TYR A 18 -8.19 2.68 19.42
CA TYR A 18 -8.21 2.12 20.77
C TYR A 18 -8.84 0.73 20.79
N LYS A 19 -9.92 0.53 20.03
CA LYS A 19 -10.60 -0.76 20.00
C LYS A 19 -9.71 -1.84 19.42
N GLY A 20 -9.03 -1.52 18.32
CA GLY A 20 -8.15 -2.49 17.71
C GLY A 20 -7.02 -2.89 18.63
N VAL A 21 -6.42 -1.91 19.33
CA VAL A 21 -5.41 -2.27 20.33
C VAL A 21 -6.03 -3.16 21.41
N ASP A 22 -7.22 -2.81 21.85
CA ASP A 22 -7.81 -3.50 22.99
C ASP A 22 -8.04 -4.98 22.68
N CYS A 23 -8.49 -5.30 21.47
CA CYS A 23 -8.80 -6.69 21.16
C CYS A 23 -7.63 -7.43 20.47
N GLY A 24 -6.46 -6.80 20.36
CA GLY A 24 -5.29 -7.45 19.80
C GLY A 24 -5.28 -7.55 18.29
N ASP A 25 -6.14 -6.80 17.59
CA ASP A 25 -6.18 -6.87 16.14
C ASP A 25 -4.91 -6.31 15.50
N GLY A 26 -4.27 -5.34 16.14
CA GLY A 26 -3.18 -4.62 15.49
C GLY A 26 -2.75 -3.45 16.34
N GLY A 27 -2.01 -2.54 15.71
CA GLY A 27 -1.48 -1.41 16.43
C GLY A 27 -2.50 -0.30 16.55
N PRO A 28 -2.11 0.77 17.26
CA PRO A 28 -3.07 1.84 17.60
C PRO A 28 -3.35 2.80 16.46
N PHE A 29 -4.00 2.31 15.42
CA PHE A 29 -4.32 3.16 14.27
C PHE A 29 -5.74 2.87 13.79
N GLY A 30 -6.47 3.93 13.47
CA GLY A 30 -7.82 3.78 12.95
C GLY A 30 -8.01 4.67 11.74
N ALA A 31 -9.04 4.35 10.95
CA ALA A 31 -9.38 5.10 9.75
C ALA A 31 -10.87 5.00 9.53
N VAL A 32 -11.50 6.13 9.19
CA VAL A 32 -12.92 6.18 8.88
C VAL A 32 -13.09 6.83 7.51
N ILE A 33 -13.91 6.23 6.67
CA ILE A 33 -14.20 6.76 5.34
C ILE A 33 -15.66 7.15 5.30
N VAL A 34 -15.94 8.37 4.83
CA VAL A 34 -17.29 8.92 4.82
C VAL A 34 -17.66 9.38 3.42
N HIS A 35 -18.95 9.25 3.11
CA HIS A 35 -19.54 9.84 1.90
C HIS A 35 -20.44 10.96 2.38
N ASN A 36 -19.99 12.20 2.18
CA ASN A 36 -20.63 13.39 2.74
C ASN A 36 -20.58 13.34 4.26
N ASN A 37 -21.63 12.91 4.92
CA ASN A 37 -21.55 12.71 6.35
C ASN A 37 -22.08 11.34 6.77
N GLU A 38 -22.04 10.38 5.86
CA GLU A 38 -22.43 9.01 6.15
C GLU A 38 -21.18 8.13 6.15
N VAL A 39 -20.93 7.43 7.27
CA VAL A 39 -19.77 6.56 7.36
C VAL A 39 -19.93 5.41 6.39
N VAL A 40 -18.96 5.25 5.49
CA VAL A 40 -18.94 4.14 4.56
C VAL A 40 -18.04 3.01 5.07
N ALA A 41 -16.97 3.33 5.81
CA ALA A 41 -16.23 2.28 6.50
C ALA A 41 -15.58 2.83 7.77
N SER A 42 -15.41 1.97 8.76
CA SER A 42 -14.80 2.35 10.03
C SER A 42 -13.93 1.19 10.47
N CYS A 43 -12.61 1.38 10.48
CA CYS A 43 -11.69 0.26 10.59
C CYS A 43 -10.50 0.65 11.44
N HIS A 44 -9.74 -0.36 11.84
CA HIS A 44 -8.47 -0.12 12.49
C HIS A 44 -7.47 -1.09 11.90
N ASN A 45 -6.23 -0.94 12.33
CA ASN A 45 -5.16 -1.82 11.89
C ASN A 45 -5.50 -3.28 12.18
N MET A 46 -5.39 -4.13 11.16
CA MET A 46 -5.66 -5.56 11.29
C MET A 46 -4.44 -6.43 11.01
N VAL A 47 -3.22 -5.90 11.16
CA VAL A 47 -2.02 -6.63 10.77
C VAL A 47 -1.90 -7.95 11.53
N LEU A 48 -2.15 -7.92 12.84
CA LEU A 48 -1.99 -9.13 13.64
C LEU A 48 -3.13 -10.11 13.42
N LYS A 49 -4.36 -9.59 13.36
CA LYS A 49 -5.54 -10.44 13.14
C LYS A 49 -5.44 -11.19 11.80
N TYR A 50 -5.07 -10.48 10.74
CA TYR A 50 -5.05 -11.03 9.40
C TYR A 50 -3.71 -11.64 9.01
N THR A 51 -2.68 -11.53 9.84
CA THR A 51 -1.33 -11.91 9.44
C THR A 51 -0.99 -11.26 8.10
N ASP A 52 -1.10 -9.95 8.04
CA ASP A 52 -1.04 -9.21 6.78
C ASP A 52 -0.43 -7.85 7.06
N PRO A 53 0.85 -7.66 6.72
CA PRO A 53 1.49 -6.36 7.00
C PRO A 53 0.93 -5.23 6.14
N THR A 54 0.12 -5.53 5.12
CA THR A 54 -0.53 -4.47 4.38
C THR A 54 -1.82 -4.00 5.03
N ALA A 55 -2.35 -4.72 6.03
CA ALA A 55 -3.64 -4.41 6.62
C ALA A 55 -3.59 -3.26 7.62
N HIS A 56 -2.98 -2.14 7.22
CA HIS A 56 -3.07 -0.91 8.00
C HIS A 56 -4.52 -0.43 8.05
N ALA A 57 -4.79 0.48 8.99
CA ALA A 57 -6.15 1.02 9.16
C ALA A 57 -6.66 1.62 7.85
N GLU A 58 -5.84 2.48 7.21
CA GLU A 58 -6.28 3.15 5.99
C GLU A 58 -6.52 2.16 4.85
N VAL A 59 -5.58 1.23 4.62
CA VAL A 59 -5.81 0.22 3.58
C VAL A 59 -7.06 -0.59 3.87
N THR A 60 -7.24 -0.99 5.14
CA THR A 60 -8.42 -1.78 5.48
C THR A 60 -9.69 -1.01 5.18
N ALA A 61 -9.73 0.27 5.57
CA ALA A 61 -10.89 1.11 5.32
C ALA A 61 -11.14 1.25 3.83
N ILE A 62 -10.08 1.44 3.04
CA ILE A 62 -10.26 1.58 1.60
C ILE A 62 -10.89 0.32 1.00
N ARG A 63 -10.39 -0.85 1.41
CA ARG A 63 -10.94 -2.11 0.91
C ARG A 63 -12.41 -2.27 1.28
N GLU A 64 -12.74 -1.93 2.54
CA GLU A 64 -14.12 -2.10 2.98
C GLU A 64 -15.04 -1.10 2.31
N ALA A 65 -14.59 0.13 2.13
CA ALA A 65 -15.40 1.13 1.44
C ALA A 65 -15.63 0.75 -0.01
N CYS A 66 -14.58 0.29 -0.71
CA CYS A 66 -14.74 -0.10 -2.11
C CYS A 66 -15.72 -1.27 -2.27
N LYS A 67 -15.68 -2.22 -1.32
CA LYS A 67 -16.67 -3.30 -1.32
C LYS A 67 -18.08 -2.78 -1.06
N LYS A 68 -18.23 -1.91 -0.05
CA LYS A 68 -19.53 -1.37 0.31
C LYS A 68 -20.16 -0.63 -0.87
N LEU A 69 -19.36 0.14 -1.60
CA LEU A 69 -19.90 0.93 -2.71
C LEU A 69 -19.77 0.24 -4.06
N ASN A 70 -19.21 -0.97 -4.10
CA ASN A 70 -19.14 -1.78 -5.33
C ASN A 70 -18.36 -1.09 -6.45
N LYS A 71 -17.25 -0.46 -6.10
CA LYS A 71 -16.41 0.16 -7.12
C LYS A 71 -15.04 0.41 -6.53
N ILE A 72 -14.05 0.64 -7.40
CA ILE A 72 -12.65 0.74 -7.01
C ILE A 72 -12.18 2.16 -6.82
N GLU A 73 -13.06 3.16 -7.02
CA GLU A 73 -12.70 4.55 -6.81
C GLU A 73 -13.69 5.17 -5.85
N LEU A 74 -13.18 6.05 -4.98
CA LEU A 74 -13.94 6.70 -3.91
C LEU A 74 -13.87 8.21 -4.04
N SER A 75 -14.02 8.73 -5.28
CA SER A 75 -13.81 10.15 -5.51
C SER A 75 -14.85 11.02 -4.82
N GLU A 76 -15.97 10.45 -4.38
CA GLU A 76 -16.95 11.23 -3.63
C GLU A 76 -16.73 11.18 -2.12
N CYS A 77 -15.68 10.51 -1.65
CA CYS A 77 -15.50 10.19 -0.24
C CYS A 77 -14.29 10.89 0.33
N GLU A 78 -14.29 11.03 1.66
CA GLU A 78 -13.14 11.55 2.39
C GLU A 78 -12.68 10.50 3.41
N ILE A 79 -11.40 10.57 3.78
CA ILE A 79 -10.84 9.64 4.75
C ILE A 79 -10.30 10.41 5.95
N TYR A 80 -10.57 9.88 7.14
CA TYR A 80 -10.04 10.35 8.41
C TYR A 80 -9.08 9.31 8.95
N ALA A 81 -7.84 9.70 9.20
CA ALA A 81 -6.84 8.80 9.74
C ALA A 81 -6.38 9.31 11.08
N SER A 82 -6.37 8.42 12.08
CA SER A 82 -5.94 8.83 13.42
C SER A 82 -4.48 9.29 13.42
N CYS A 83 -3.67 8.71 12.55
CA CYS A 83 -2.25 9.05 12.42
C CYS A 83 -1.96 9.34 10.95
N GLU A 84 -1.06 10.30 10.70
CA GLU A 84 -0.52 10.57 9.36
C GLU A 84 -0.29 9.29 8.58
N PRO A 85 -0.92 9.11 7.41
CA PRO A 85 -0.71 7.87 6.65
C PRO A 85 0.74 7.69 6.18
N CYS A 86 1.21 6.44 6.30
CA CYS A 86 2.53 6.00 5.85
C CYS A 86 2.61 6.01 4.31
N PRO A 87 3.79 5.77 3.73
CA PRO A 87 3.88 5.77 2.26
C PRO A 87 3.00 4.73 1.57
N MET A 88 2.84 3.54 2.17
CA MET A 88 1.95 2.55 1.56
C MET A 88 0.52 3.06 1.57
N CYS A 89 0.07 3.53 2.73
CA CYS A 89 -1.29 3.97 2.89
C CYS A 89 -1.56 5.22 2.06
N PHE A 90 -0.61 6.15 2.05
CA PHE A 90 -0.82 7.35 1.24
C PHE A 90 -0.88 6.99 -0.25
N GLY A 91 -0.06 6.04 -0.70
CA GLY A 91 -0.20 5.55 -2.07
C GLY A 91 -1.56 4.93 -2.35
N ALA A 92 -2.07 4.14 -1.39
CA ALA A 92 -3.41 3.54 -1.54
C ALA A 92 -4.47 4.62 -1.62
N ILE A 93 -4.34 5.67 -0.81
CA ILE A 93 -5.29 6.78 -0.83
C ILE A 93 -5.26 7.47 -2.19
N HIS A 94 -4.08 7.63 -2.75
CA HIS A 94 -3.97 8.19 -4.10
C HIS A 94 -4.70 7.32 -5.12
N LEU A 95 -4.40 6.01 -5.14
CA LEU A 95 -5.02 5.12 -6.12
C LEU A 95 -6.54 5.08 -5.97
N SER A 96 -7.04 5.16 -4.73
CA SER A 96 -8.48 5.09 -4.48
C SER A 96 -9.21 6.34 -4.96
N ARG A 97 -8.48 7.42 -5.21
CA ARG A 97 -9.02 8.70 -5.65
C ARG A 97 -9.88 9.37 -4.58
N LEU A 98 -9.67 9.04 -3.29
CA LEU A 98 -10.35 9.78 -2.22
C LEU A 98 -10.06 11.27 -2.38
N LYS A 99 -11.07 12.10 -2.14
CA LYS A 99 -10.92 13.51 -2.48
C LYS A 99 -10.37 14.35 -1.34
N ARG A 100 -10.31 13.83 -0.12
CA ARG A 100 -9.79 14.63 0.98
C ARG A 100 -9.33 13.69 2.08
N LEU A 101 -8.21 14.04 2.70
CA LEU A 101 -7.61 13.33 3.82
C LEU A 101 -7.51 14.27 5.01
N VAL A 102 -8.07 13.88 6.15
CA VAL A 102 -7.90 14.59 7.42
C VAL A 102 -7.18 13.63 8.36
N TYR A 103 -6.06 14.07 8.93
CA TYR A 103 -5.36 13.15 9.83
C TYR A 103 -5.01 13.84 11.15
N GLY A 104 -4.92 13.01 12.19
CA GLY A 104 -4.85 13.52 13.55
C GLY A 104 -3.44 13.77 14.04
N ALA A 105 -2.66 12.72 14.24
CA ALA A 105 -1.33 12.82 14.83
C ALA A 105 -0.28 12.84 13.73
N LYS A 106 0.78 13.63 13.93
CA LYS A 106 1.92 13.57 13.02
C LYS A 106 2.66 12.25 13.21
N ALA A 107 3.36 11.83 12.15
CA ALA A 107 4.00 10.50 12.15
C ALA A 107 5.00 10.36 13.29
N GLU A 108 5.68 11.46 13.64
CA GLU A 108 6.67 11.44 14.71
C GLU A 108 6.07 10.94 16.03
N ALA A 109 4.77 11.17 16.23
CA ALA A 109 4.12 10.68 17.44
C ALA A 109 4.11 9.16 17.51
N ALA A 110 3.95 8.49 16.37
CA ALA A 110 4.04 7.03 16.34
C ALA A 110 5.49 6.57 16.44
N ILE A 111 6.40 7.29 15.77
CA ILE A 111 7.82 6.96 15.88
C ILE A 111 8.27 6.96 17.34
N ALA A 112 7.79 7.95 18.11
CA ALA A 112 8.22 8.15 19.49
C ALA A 112 7.90 6.98 20.41
N ILE A 113 6.95 6.11 20.05
CA ILE A 113 6.64 4.95 20.88
C ILE A 113 7.07 3.65 20.21
N GLY A 114 7.91 3.72 19.17
CA GLY A 114 8.61 2.54 18.69
C GLY A 114 8.28 2.09 17.28
N PHE A 115 7.47 2.81 16.50
CA PHE A 115 7.25 2.39 15.12
C PHE A 115 8.34 2.97 14.20
N ASP A 116 8.43 2.39 12.99
CA ASP A 116 9.42 2.80 11.99
C ASP A 116 9.32 4.28 11.64
N ASP A 117 10.47 4.92 11.48
CA ASP A 117 10.56 6.22 10.80
C ASP A 117 10.33 5.97 9.31
N PHE A 118 9.11 6.25 8.84
CA PHE A 118 8.58 5.74 7.56
C PHE A 118 7.51 6.73 7.09
N ILE A 119 7.95 7.81 6.43
CA ILE A 119 7.12 9.01 6.23
C ILE A 119 6.92 9.27 4.73
N ALA A 120 5.69 9.60 4.35
CA ALA A 120 5.35 9.82 2.95
C ALA A 120 5.77 11.23 2.52
N ASP A 121 6.73 11.31 1.59
CA ASP A 121 7.13 12.61 1.04
C ASP A 121 5.98 13.28 0.33
N ALA A 122 5.16 12.49 -0.38
CA ALA A 122 4.08 13.09 -1.14
C ALA A 122 3.05 13.75 -0.22
N LEU A 123 2.88 13.23 1.00
CA LEU A 123 1.97 13.89 1.94
C LEU A 123 2.57 15.19 2.46
N ARG A 124 3.86 15.19 2.77
CA ARG A 124 4.47 16.39 3.32
C ARG A 124 4.87 17.41 2.26
N GLY A 125 4.67 17.09 0.98
CA GLY A 125 4.97 18.03 -0.09
C GLY A 125 6.41 18.07 -0.53
N THR A 126 7.20 17.03 -0.23
CA THR A 126 8.60 16.94 -0.62
C THR A 126 8.85 15.83 -1.64
N GLY A 127 7.80 15.32 -2.28
CA GLY A 127 7.97 14.26 -3.25
C GLY A 127 8.43 14.83 -4.58
N VAL A 128 9.28 14.07 -5.26
CA VAL A 128 9.74 14.45 -6.61
C VAL A 128 9.01 13.65 -7.67
N TYR A 129 9.01 12.32 -7.54
CA TYR A 129 8.34 11.42 -8.48
C TYR A 129 6.90 11.15 -8.14
N GLN A 130 6.47 11.46 -6.91
CA GLN A 130 5.10 11.26 -6.48
C GLN A 130 4.58 12.60 -6.02
N LYS A 131 3.54 13.08 -6.68
CA LYS A 131 2.93 14.36 -6.36
C LYS A 131 1.45 14.14 -6.15
N SER A 132 0.94 14.61 -5.01
CA SER A 132 -0.46 14.44 -4.67
C SER A 132 -1.27 15.64 -5.11
N SER A 133 -2.54 15.38 -5.42
CA SER A 133 -3.48 16.46 -5.69
C SER A 133 -4.53 16.63 -4.60
N LEU A 134 -4.78 15.60 -3.78
CA LEU A 134 -5.93 15.63 -2.89
C LEU A 134 -5.74 16.65 -1.78
N GLU A 135 -6.87 17.12 -1.24
CA GLU A 135 -6.84 18.09 -0.16
C GLU A 135 -6.47 17.38 1.14
N ILE A 136 -5.49 17.92 1.86
CA ILE A 136 -4.97 17.30 3.07
C ILE A 136 -5.07 18.29 4.23
N LYS A 137 -5.69 17.86 5.33
CA LYS A 137 -5.84 18.66 6.53
C LYS A 137 -5.16 17.93 7.69
N LYS A 138 -4.19 18.59 8.31
CA LYS A 138 -3.67 18.11 9.57
C LYS A 138 -4.50 18.73 10.69
N ALA A 139 -5.04 17.89 11.58
CA ALA A 139 -5.87 18.43 12.64
C ALA A 139 -5.05 19.26 13.62
N ASP A 140 -5.72 20.21 14.27
CA ASP A 140 -5.12 21.00 15.32
C ASP A 140 -6.02 20.92 16.55
N GLY A 141 -5.65 21.67 17.59
CA GLY A 141 -6.49 21.82 18.75
C GLY A 141 -6.83 20.49 19.41
N ASN A 142 -8.14 20.30 19.64
CA ASN A 142 -8.59 19.13 20.39
C ASN A 142 -8.40 17.84 19.59
N GLY A 143 -8.64 17.89 18.28
CA GLY A 143 -8.42 16.70 17.45
C GLY A 143 -6.98 16.26 17.50
N ALA A 144 -6.04 17.21 17.40
CA ALA A 144 -4.63 16.88 17.50
C ALA A 144 -4.29 16.35 18.88
N ALA A 145 -4.84 16.95 19.95
CA ALA A 145 -4.54 16.45 21.29
C ALA A 145 -5.00 15.00 21.47
N ILE A 146 -6.24 14.70 21.05
CA ILE A 146 -6.77 13.33 21.15
C ILE A 146 -5.90 12.35 20.36
N ALA A 147 -5.59 12.72 19.11
CA ALA A 147 -4.88 11.82 18.22
C ALA A 147 -3.47 11.55 18.76
N GLU A 148 -2.78 12.60 19.24
CA GLU A 148 -1.46 12.41 19.82
C GLU A 148 -1.53 11.58 21.10
N GLN A 149 -2.59 11.77 21.89
CA GLN A 149 -2.69 11.05 23.17
C GLN A 149 -2.76 9.55 22.96
N VAL A 150 -3.32 9.11 21.84
CA VAL A 150 -3.40 7.67 21.52
C VAL A 150 -2.09 6.95 21.85
N PHE A 151 -0.96 7.53 21.43
CA PHE A 151 0.31 6.81 21.54
C PHE A 151 0.80 6.73 22.98
N GLN A 152 0.62 7.78 23.78
CA GLN A 152 0.97 7.64 25.19
C GLN A 152 0.02 6.71 25.93
N ASN A 153 -1.27 6.74 25.59
CA ASN A 153 -2.24 5.89 26.29
C ASN A 153 -2.06 4.42 25.95
N THR A 154 -1.66 4.07 24.73
CA THR A 154 -1.61 2.66 24.33
C THR A 154 -0.21 2.09 24.38
N LYS A 155 0.76 2.84 24.91
CA LYS A 155 2.14 2.40 24.93
C LYS A 155 2.27 1.08 25.68
N GLU A 156 2.90 0.10 25.02
CA GLU A 156 3.05 -1.26 25.55
C GLU A 156 1.73 -1.88 25.98
N LYS A 157 0.65 -1.56 25.26
CA LYS A 157 -0.58 -2.35 25.33
C LYS A 157 -0.75 -3.25 24.11
N PHE A 158 0.26 -3.30 23.24
CA PHE A 158 0.18 -4.10 22.02
C PHE A 158 1.59 -4.51 21.61
N ARG A 159 1.66 -5.42 20.64
CA ARG A 159 2.92 -5.89 20.07
C ARG A 159 3.27 -5.07 18.84
N LEU A 160 4.45 -4.46 18.84
CA LEU A 160 4.91 -3.68 17.70
C LEU A 160 5.15 -4.59 16.48
N TYR A 161 5.18 -3.97 15.29
CA TYR A 161 5.38 -4.69 14.03
C TYR A 161 5.84 -3.69 12.96
N SER B 5 18.82 -17.83 -11.46
CA SER B 5 17.56 -17.86 -10.73
C SER B 5 16.73 -16.57 -10.97
N ASP B 6 17.39 -15.41 -11.10
CA ASP B 6 16.67 -14.15 -11.29
C ASP B 6 15.84 -14.18 -12.57
N HIS B 7 16.41 -14.70 -13.67
CA HIS B 7 15.69 -14.74 -14.94
C HIS B 7 14.46 -15.62 -14.85
N LYS B 8 14.56 -16.75 -14.14
CA LYS B 8 13.44 -17.69 -14.05
C LYS B 8 12.25 -17.07 -13.32
N PHE B 9 12.50 -16.41 -12.19
CA PHE B 9 11.41 -15.85 -11.39
C PHE B 9 10.87 -14.56 -12.01
N LEU B 10 11.73 -13.75 -12.63
CA LEU B 10 11.20 -12.61 -13.37
C LEU B 10 10.29 -13.08 -14.51
N THR B 11 10.69 -14.12 -15.24
CA THR B 11 9.84 -14.66 -16.29
C THR B 11 8.51 -15.14 -15.74
N GLN B 12 8.55 -15.76 -14.55
CA GLN B 12 7.32 -16.18 -13.91
C GLN B 12 6.40 -14.97 -13.62
N ALA B 13 6.98 -13.86 -13.15
CA ALA B 13 6.18 -12.67 -12.88
C ALA B 13 5.56 -12.11 -14.16
N VAL B 14 6.33 -12.09 -15.24
CA VAL B 14 5.83 -11.64 -16.55
C VAL B 14 4.67 -12.53 -17.03
N GLU B 15 4.82 -13.85 -16.86
CA GLU B 15 3.72 -14.74 -17.25
C GLU B 15 2.50 -14.50 -16.39
N GLU B 16 2.69 -14.19 -15.10
CA GLU B 16 1.53 -13.82 -14.28
C GLU B 16 0.83 -12.58 -14.83
N ALA B 17 1.60 -11.57 -15.26
CA ALA B 17 0.98 -10.36 -15.84
C ALA B 17 0.10 -10.70 -17.04
N TYR B 18 0.63 -11.48 -17.98
CA TYR B 18 -0.17 -11.90 -19.14
C TYR B 18 -1.41 -12.69 -18.71
N LYS B 19 -1.23 -13.62 -17.76
CA LYS B 19 -2.35 -14.45 -17.33
C LYS B 19 -3.45 -13.61 -16.69
N GLY B 20 -3.08 -12.69 -15.80
CA GLY B 20 -4.07 -11.85 -15.15
C GLY B 20 -4.82 -10.96 -16.13
N VAL B 21 -4.09 -10.30 -17.04
CA VAL B 21 -4.81 -9.43 -17.96
C VAL B 21 -5.68 -10.27 -18.88
N ASP B 22 -5.24 -11.49 -19.23
CA ASP B 22 -6.03 -12.32 -20.13
C ASP B 22 -7.32 -12.81 -19.48
N CYS B 23 -7.32 -13.11 -18.19
CA CYS B 23 -8.60 -13.54 -17.63
C CYS B 23 -9.40 -12.40 -17.01
N GLY B 24 -8.94 -11.15 -17.11
CA GLY B 24 -9.72 -10.03 -16.67
C GLY B 24 -9.54 -9.66 -15.21
N ASP B 25 -8.54 -10.23 -14.53
CA ASP B 25 -8.38 -10.03 -13.09
C ASP B 25 -7.91 -8.61 -12.78
N GLY B 26 -7.14 -8.02 -13.68
CA GLY B 26 -6.60 -6.70 -13.44
C GLY B 26 -5.69 -6.32 -14.59
N GLY B 27 -4.83 -5.35 -14.35
CA GLY B 27 -3.86 -4.92 -15.35
C GLY B 27 -2.70 -5.89 -15.49
N PRO B 28 -1.87 -5.65 -16.52
CA PRO B 28 -0.72 -6.52 -16.84
C PRO B 28 0.46 -6.32 -15.87
N PHE B 29 0.31 -6.87 -14.67
CA PHE B 29 1.34 -6.80 -13.64
C PHE B 29 1.39 -8.12 -12.90
N GLY B 30 2.61 -8.61 -12.65
CA GLY B 30 2.78 -9.88 -11.95
C GLY B 30 3.82 -9.72 -10.87
N ALA B 31 3.79 -10.64 -9.90
CA ALA B 31 4.77 -10.63 -8.82
C ALA B 31 4.90 -12.04 -8.25
N VAL B 32 6.13 -12.43 -7.96
CA VAL B 32 6.44 -13.75 -7.44
C VAL B 32 7.30 -13.58 -6.19
N ILE B 33 6.94 -14.24 -5.10
CA ILE B 33 7.71 -14.16 -3.87
C ILE B 33 8.33 -15.53 -3.62
N VAL B 34 9.65 -15.53 -3.35
CA VAL B 34 10.45 -16.74 -3.31
C VAL B 34 11.21 -16.80 -1.99
N HIS B 35 11.35 -18.01 -1.44
CA HIS B 35 12.04 -18.29 -0.19
C HIS B 35 13.16 -19.29 -0.49
N ASN B 36 14.39 -18.80 -0.68
CA ASN B 36 15.53 -19.65 -1.06
C ASN B 36 15.19 -20.62 -2.20
N ASN B 37 14.75 -20.05 -3.32
CA ASN B 37 14.45 -20.79 -4.56
C ASN B 37 13.16 -21.60 -4.52
N GLU B 38 12.36 -21.50 -3.46
CA GLU B 38 11.02 -22.08 -3.41
C GLU B 38 9.98 -20.98 -3.58
N VAL B 39 9.09 -21.12 -4.56
CA VAL B 39 8.06 -20.09 -4.75
C VAL B 39 7.06 -20.14 -3.60
N VAL B 40 6.88 -19.01 -2.92
CA VAL B 40 5.89 -18.90 -1.86
C VAL B 40 4.56 -18.38 -2.40
N ALA B 41 4.60 -17.37 -3.28
CA ALA B 41 3.36 -16.87 -3.87
C ALA B 41 3.63 -16.44 -5.30
N SER B 42 2.67 -16.65 -6.19
CA SER B 42 2.79 -16.22 -7.57
C SER B 42 1.47 -15.59 -7.96
N CYS B 43 1.46 -14.28 -8.16
CA CYS B 43 0.21 -13.54 -8.22
C CYS B 43 0.28 -12.51 -9.32
N HIS B 44 -0.90 -11.99 -9.64
CA HIS B 44 -1.01 -10.86 -10.53
C HIS B 44 -1.99 -9.85 -9.92
N ASN B 45 -2.09 -8.72 -10.61
CA ASN B 45 -3.01 -7.68 -10.22
C ASN B 45 -4.45 -8.20 -10.20
N MET B 46 -5.15 -7.97 -9.08
CA MET B 46 -6.53 -8.42 -8.91
C MET B 46 -7.51 -7.27 -8.66
N VAL B 47 -7.14 -6.04 -9.01
CA VAL B 47 -8.00 -4.88 -8.73
C VAL B 47 -9.42 -5.09 -9.27
N LEU B 48 -9.54 -5.62 -10.49
CA LEU B 48 -10.86 -5.76 -11.10
C LEU B 48 -11.60 -6.95 -10.51
N LYS B 49 -10.92 -8.08 -10.37
CA LYS B 49 -11.56 -9.26 -9.78
C LYS B 49 -12.02 -8.99 -8.35
N TYR B 50 -11.19 -8.31 -7.55
CA TYR B 50 -11.47 -8.12 -6.12
C TYR B 50 -12.24 -6.85 -5.81
N THR B 51 -12.46 -5.98 -6.80
CA THR B 51 -12.99 -4.64 -6.58
C THR B 51 -12.21 -3.94 -5.47
N ASP B 52 -10.91 -3.90 -5.64
CA ASP B 52 -9.99 -3.48 -4.58
C ASP B 52 -8.82 -2.77 -5.23
N PRO B 53 -8.76 -1.44 -5.17
CA PRO B 53 -7.66 -0.71 -5.82
C PRO B 53 -6.31 -0.94 -5.15
N THR B 54 -6.29 -1.54 -3.95
CA THR B 54 -5.01 -1.88 -3.34
C THR B 54 -4.48 -3.24 -3.80
N ALA B 55 -5.27 -4.01 -4.56
CA ALA B 55 -4.89 -5.38 -4.93
C ALA B 55 -3.95 -5.42 -6.13
N HIS B 56 -2.93 -4.57 -6.11
CA HIS B 56 -1.85 -4.70 -7.07
C HIS B 56 -1.17 -6.05 -6.94
N ALA B 57 -0.41 -6.43 -7.97
CA ALA B 57 0.27 -7.70 -7.97
C ALA B 57 1.14 -7.87 -6.72
N GLU B 58 1.99 -6.87 -6.44
CA GLU B 58 2.91 -6.99 -5.31
C GLU B 58 2.17 -7.12 -3.99
N VAL B 59 1.13 -6.30 -3.77
CA VAL B 59 0.39 -6.37 -2.52
C VAL B 59 -0.26 -7.75 -2.39
N THR B 60 -0.88 -8.24 -3.47
CA THR B 60 -1.52 -9.55 -3.47
C THR B 60 -0.52 -10.64 -3.11
N ALA B 61 0.69 -10.58 -3.69
CA ALA B 61 1.69 -11.60 -3.39
C ALA B 61 2.13 -11.52 -1.93
N ILE B 62 2.28 -10.31 -1.39
CA ILE B 62 2.66 -10.19 0.02
C ILE B 62 1.58 -10.79 0.91
N ARG B 63 0.31 -10.41 0.68
CA ARG B 63 -0.78 -11.02 1.45
C ARG B 63 -0.73 -12.55 1.42
N GLU B 64 -0.60 -13.13 0.20
CA GLU B 64 -0.64 -14.58 0.07
C GLU B 64 0.55 -15.23 0.77
N ALA B 65 1.75 -14.67 0.58
CA ALA B 65 2.95 -15.26 1.15
C ALA B 65 2.91 -15.20 2.67
N CYS B 66 2.46 -14.09 3.23
CA CYS B 66 2.43 -13.95 4.67
C CYS B 66 1.42 -14.92 5.26
N LYS B 67 0.27 -15.09 4.61
CA LYS B 67 -0.69 -16.03 5.15
C LYS B 67 -0.16 -17.45 5.07
N LYS B 68 0.52 -17.79 3.96
CA LYS B 68 1.10 -19.12 3.82
C LYS B 68 2.13 -19.41 4.89
N LEU B 69 3.05 -18.46 5.14
CA LEU B 69 4.14 -18.69 6.08
C LEU B 69 3.77 -18.38 7.53
N ASN B 70 2.54 -17.94 7.77
CA ASN B 70 2.07 -17.64 9.13
C ASN B 70 2.95 -16.61 9.80
N LYS B 71 3.39 -15.61 9.05
CA LYS B 71 4.10 -14.52 9.70
C LYS B 71 3.96 -13.25 8.86
N ILE B 72 4.12 -12.12 9.54
CA ILE B 72 3.90 -10.83 8.88
C ILE B 72 5.19 -10.22 8.34
N GLU B 73 6.35 -10.84 8.57
CA GLU B 73 7.60 -10.40 7.96
C GLU B 73 8.11 -11.49 7.03
N LEU B 74 8.62 -11.06 5.90
CA LEU B 74 9.13 -11.95 4.87
C LEU B 74 10.62 -11.76 4.68
N SER B 75 11.33 -11.55 5.79
CA SER B 75 12.73 -11.16 5.75
C SER B 75 13.65 -12.19 5.10
N GLU B 76 13.20 -13.44 4.95
CA GLU B 76 14.00 -14.44 4.26
C GLU B 76 13.58 -14.61 2.80
N CYS B 77 12.66 -13.77 2.33
CA CYS B 77 12.10 -13.91 1.00
C CYS B 77 12.53 -12.76 0.11
N GLU B 78 12.45 -13.00 -1.20
CA GLU B 78 12.68 -12.00 -2.21
C GLU B 78 11.43 -11.87 -3.07
N ILE B 79 11.24 -10.71 -3.69
CA ILE B 79 10.08 -10.49 -4.54
C ILE B 79 10.56 -10.10 -5.94
N TYR B 80 9.93 -10.69 -6.95
CA TYR B 80 10.17 -10.40 -8.37
C TYR B 80 8.91 -9.73 -8.89
N ALA B 81 9.04 -8.51 -9.40
CA ALA B 81 7.90 -7.76 -9.93
C ALA B 81 8.10 -7.57 -11.43
N SER B 82 7.07 -7.92 -12.23
CA SER B 82 7.19 -7.66 -13.65
C SER B 82 7.42 -6.18 -13.95
N CYS B 83 6.89 -5.29 -13.13
CA CYS B 83 7.06 -3.87 -13.33
C CYS B 83 7.55 -3.22 -12.04
N GLU B 84 8.30 -2.13 -12.18
CA GLU B 84 8.74 -1.31 -11.06
C GLU B 84 7.58 -1.01 -10.09
N PRO B 85 7.70 -1.37 -8.81
CA PRO B 85 6.58 -1.12 -7.88
C PRO B 85 6.26 0.37 -7.69
N CYS B 86 4.96 0.64 -7.59
CA CYS B 86 4.45 1.99 -7.36
C CYS B 86 4.70 2.39 -5.90
N PRO B 87 4.41 3.66 -5.53
CA PRO B 87 4.59 4.07 -4.11
C PRO B 87 3.86 3.20 -3.09
N MET B 88 2.62 2.80 -3.41
CA MET B 88 1.89 1.95 -2.48
C MET B 88 2.59 0.60 -2.34
N CYS B 89 2.97 0.00 -3.47
CA CYS B 89 3.56 -1.33 -3.43
C CYS B 89 4.95 -1.29 -2.84
N PHE B 90 5.75 -0.27 -3.17
CA PHE B 90 7.05 -0.17 -2.54
C PHE B 90 6.94 0.00 -1.02
N GLY B 91 5.94 0.77 -0.57
CA GLY B 91 5.68 0.85 0.86
C GLY B 91 5.32 -0.50 1.47
N ALA B 92 4.46 -1.27 0.77
CA ALA B 92 4.13 -2.61 1.25
C ALA B 92 5.35 -3.50 1.32
N ILE B 93 6.20 -3.45 0.29
CA ILE B 93 7.44 -4.22 0.30
C ILE B 93 8.31 -3.84 1.48
N HIS B 94 8.41 -2.53 1.76
CA HIS B 94 9.18 -2.10 2.93
C HIS B 94 8.59 -2.67 4.22
N LEU B 95 7.26 -2.54 4.40
CA LEU B 95 6.64 -2.97 5.64
C LEU B 95 6.77 -4.48 5.83
N SER B 96 6.79 -5.23 4.74
CA SER B 96 6.83 -6.69 4.81
C SER B 96 8.21 -7.22 5.15
N ARG B 97 9.24 -6.36 5.13
CA ARG B 97 10.64 -6.70 5.42
C ARG B 97 11.25 -7.67 4.41
N LEU B 98 10.67 -7.76 3.20
CA LEU B 98 11.32 -8.49 2.12
C LEU B 98 12.78 -8.05 1.97
N LYS B 99 13.66 -8.99 1.71
CA LYS B 99 15.08 -8.65 1.77
C LYS B 99 15.63 -8.21 0.42
N ARG B 100 14.92 -8.48 -0.67
CA ARG B 100 15.43 -8.11 -1.99
C ARG B 100 14.26 -7.96 -2.95
N LEU B 101 14.40 -7.00 -3.85
CA LEU B 101 13.42 -6.74 -4.90
C LEU B 101 14.14 -6.79 -6.22
N VAL B 102 13.63 -7.60 -7.15
CA VAL B 102 14.06 -7.58 -8.54
C VAL B 102 12.84 -7.19 -9.36
N TYR B 103 13.00 -6.21 -10.25
CA TYR B 103 11.88 -5.81 -11.11
C TYR B 103 12.31 -5.72 -12.56
N GLY B 104 11.35 -5.93 -13.45
CA GLY B 104 11.62 -6.04 -14.88
C GLY B 104 11.59 -4.72 -15.64
N ALA B 105 10.41 -4.14 -15.75
CA ALA B 105 10.18 -2.94 -16.55
C ALA B 105 10.25 -1.68 -15.69
N LYS B 106 10.79 -0.60 -16.26
CA LYS B 106 10.70 0.70 -15.60
C LYS B 106 9.26 1.20 -15.60
N ALA B 107 8.94 2.04 -14.62
CA ALA B 107 7.58 2.56 -14.48
C ALA B 107 7.11 3.28 -15.75
N GLU B 108 8.04 3.90 -16.49
CA GLU B 108 7.69 4.65 -17.69
C GLU B 108 7.07 3.75 -18.76
N ALA B 109 7.41 2.46 -18.78
CA ALA B 109 6.80 1.56 -19.77
C ALA B 109 5.30 1.40 -19.53
N ALA B 110 4.88 1.40 -18.25
CA ALA B 110 3.45 1.35 -17.96
C ALA B 110 2.80 2.70 -18.20
N ILE B 111 3.47 3.78 -17.78
CA ILE B 111 2.93 5.11 -18.02
C ILE B 111 2.73 5.34 -19.51
N ALA B 112 3.61 4.77 -20.34
CA ALA B 112 3.52 5.00 -21.77
C ALA B 112 2.24 4.47 -22.41
N ILE B 113 1.52 3.56 -21.75
CA ILE B 113 0.23 3.11 -22.27
C ILE B 113 -0.94 3.69 -21.47
N GLY B 114 -0.68 4.67 -20.61
CA GLY B 114 -1.75 5.41 -19.98
C GLY B 114 -1.91 5.24 -18.49
N PHE B 115 -1.10 4.42 -17.83
CA PHE B 115 -1.21 4.31 -16.38
C PHE B 115 -0.76 5.60 -15.72
N ASP B 116 -1.27 5.83 -14.50
CA ASP B 116 -0.90 6.94 -13.63
C ASP B 116 0.60 7.22 -13.66
N ASP B 117 0.95 8.51 -13.65
CA ASP B 117 2.33 8.96 -13.52
C ASP B 117 2.65 9.00 -12.03
N PHE B 118 3.08 7.86 -11.49
CA PHE B 118 2.93 7.55 -10.06
C PHE B 118 4.12 6.65 -9.68
N ILE B 119 5.22 7.28 -9.28
CA ILE B 119 6.51 6.61 -9.15
C ILE B 119 7.03 6.79 -7.73
N ALA B 120 7.66 5.75 -7.19
CA ALA B 120 8.09 5.71 -5.80
C ALA B 120 9.43 6.41 -5.64
N ASP B 121 9.40 7.58 -4.99
CA ASP B 121 10.63 8.29 -4.65
C ASP B 121 11.60 7.40 -3.90
N ALA B 122 11.12 6.62 -2.93
CA ALA B 122 12.07 5.85 -2.14
C ALA B 122 12.74 4.77 -2.98
N LEU B 123 12.08 4.25 -4.02
CA LEU B 123 12.77 3.31 -4.88
C LEU B 123 13.88 4.01 -5.66
N ARG B 124 13.60 5.18 -6.21
CA ARG B 124 14.57 5.86 -7.07
C ARG B 124 15.57 6.71 -6.28
N GLY B 125 15.46 6.75 -4.96
CA GLY B 125 16.41 7.50 -4.15
C GLY B 125 16.20 9.00 -4.17
N THR B 126 14.97 9.46 -4.27
CA THR B 126 14.72 10.88 -4.48
C THR B 126 13.88 11.51 -3.37
N GLY B 127 13.75 10.84 -2.22
CA GLY B 127 12.95 11.39 -1.15
C GLY B 127 13.75 12.23 -0.13
N VAL B 128 13.03 13.07 0.59
CA VAL B 128 13.56 13.75 1.77
C VAL B 128 13.33 12.91 3.02
N TYR B 129 12.10 12.42 3.17
CA TYR B 129 11.66 11.70 4.36
C TYR B 129 11.79 10.19 4.21
N GLN B 130 11.37 9.65 3.07
CA GLN B 130 11.38 8.19 2.91
C GLN B 130 12.69 7.74 2.29
N LYS B 131 13.43 6.93 3.02
CA LYS B 131 14.61 6.29 2.47
C LYS B 131 14.35 4.79 2.36
N SER B 132 15.17 4.12 1.58
CA SER B 132 15.22 2.69 1.63
C SER B 132 16.67 2.23 1.62
N SER B 133 16.94 1.12 2.29
CA SER B 133 18.19 0.39 2.13
C SER B 133 17.97 -1.02 1.62
N LEU B 134 16.73 -1.41 1.40
CA LEU B 134 16.35 -2.59 0.63
C LEU B 134 17.27 -2.83 -0.56
N GLU B 135 17.67 -4.08 -0.75
CA GLU B 135 18.46 -4.42 -1.93
C GLU B 135 17.55 -4.46 -3.15
N ILE B 136 17.83 -3.62 -4.14
CA ILE B 136 16.97 -3.45 -5.31
C ILE B 136 17.78 -3.70 -6.57
N LYS B 137 17.25 -4.53 -7.47
CA LYS B 137 17.88 -4.84 -8.75
C LYS B 137 16.89 -4.61 -9.87
N LYS B 138 17.25 -3.69 -10.77
CA LYS B 138 16.55 -3.53 -12.03
C LYS B 138 17.14 -4.53 -13.02
N ALA B 139 16.31 -5.42 -13.54
CA ALA B 139 16.81 -6.42 -14.47
C ALA B 139 17.34 -5.75 -15.74
N ASP B 140 18.20 -6.47 -16.46
CA ASP B 140 18.71 -5.98 -17.72
C ASP B 140 18.75 -7.12 -18.73
N GLY B 141 19.17 -6.79 -19.95
CA GLY B 141 19.26 -7.79 -21.01
C GLY B 141 17.92 -8.38 -21.40
N ASN B 142 17.89 -9.72 -21.44
CA ASN B 142 16.82 -10.47 -22.10
C ASN B 142 15.49 -10.28 -21.40
N GLY B 143 15.42 -10.71 -20.15
CA GLY B 143 14.19 -10.65 -19.40
C GLY B 143 13.69 -9.23 -19.21
N ALA B 144 14.61 -8.27 -19.10
CA ALA B 144 14.20 -6.87 -19.06
C ALA B 144 13.49 -6.48 -20.34
N ALA B 145 14.06 -6.84 -21.50
CA ALA B 145 13.40 -6.52 -22.76
C ALA B 145 11.99 -7.10 -22.81
N ILE B 146 11.85 -8.37 -22.42
CA ILE B 146 10.55 -9.04 -22.45
C ILE B 146 9.56 -8.32 -21.52
N ALA B 147 10.00 -8.05 -20.29
CA ALA B 147 9.18 -7.35 -19.31
C ALA B 147 8.74 -5.99 -19.84
N GLU B 148 9.65 -5.25 -20.48
CA GLU B 148 9.27 -3.95 -21.03
C GLU B 148 8.18 -4.09 -22.08
N GLN B 149 8.23 -5.17 -22.87
CA GLN B 149 7.26 -5.31 -23.96
C GLN B 149 5.86 -5.71 -23.52
N VAL B 150 5.71 -6.17 -22.27
CA VAL B 150 4.38 -6.52 -21.74
C VAL B 150 3.32 -5.47 -22.08
N PHE B 151 3.64 -4.17 -21.94
CA PHE B 151 2.59 -3.14 -21.98
C PHE B 151 2.11 -2.90 -23.41
N GLN B 152 3.02 -2.75 -24.36
CA GLN B 152 2.61 -2.68 -25.76
C GLN B 152 1.87 -3.94 -26.17
N ASN B 153 2.31 -5.11 -25.68
CA ASN B 153 1.66 -6.35 -26.10
C ASN B 153 0.24 -6.48 -25.57
N THR B 154 -0.06 -5.97 -24.37
CA THR B 154 -1.37 -6.16 -23.76
C THR B 154 -2.26 -4.94 -23.83
N LYS B 155 -1.79 -3.86 -24.47
CA LYS B 155 -2.53 -2.61 -24.54
C LYS B 155 -4.02 -2.83 -24.83
N GLU B 156 -4.34 -3.73 -25.77
CA GLU B 156 -5.70 -3.82 -26.29
C GLU B 156 -6.60 -4.77 -25.50
N LYS B 157 -6.03 -5.62 -24.65
CA LYS B 157 -6.78 -6.70 -24.00
C LYS B 157 -7.48 -6.25 -22.72
N PHE B 158 -7.24 -5.03 -22.27
CA PHE B 158 -7.88 -4.54 -21.06
C PHE B 158 -8.06 -3.04 -21.19
N ARG B 159 -8.97 -2.52 -20.40
CA ARG B 159 -9.23 -1.09 -20.39
C ARG B 159 -8.69 -0.51 -19.09
N LEU B 160 -7.95 0.59 -19.20
CA LEU B 160 -7.43 1.25 -18.01
C LEU B 160 -8.55 1.50 -17.02
N TYR B 161 -8.23 1.32 -15.74
CA TYR B 161 -9.21 1.46 -14.66
C TYR B 161 -8.67 2.48 -13.66
ZN ZN C . 0.02 2.76 6.54
N9 MG7 D . 2.09 2.36 11.00
C8 MG7 D . 1.88 1.07 11.19
N7 MG7 D . 0.57 0.90 10.98
C5 MG7 D . 0.00 2.02 10.64
C6 MG7 D . -1.46 2.29 10.30
O6 MG7 D . -2.24 1.37 10.34
N1 MG7 D . -1.81 3.64 10.01
C2 MG7 D . -0.79 4.68 10.06
N2 MG7 D . -1.10 6.06 9.74
N3 MG7 D . 0.61 4.39 10.34
C4 MG7 D . 0.96 2.98 10.65
O5' MG7 D . 2.96 6.61 10.08
C5' MG7 D . 4.03 6.51 11.03
C4' MG7 D . 4.41 5.07 11.35
O4' MG7 D . 3.24 4.29 11.72
C1' MG7 D . 3.37 3.03 11.13
CN7 MG7 D . 0.18 -0.41 11.10
C2' MG7 D . 4.03 3.30 9.80
O2' MG7 D . 4.49 2.10 9.23
C3' MG7 D . 5.13 4.25 10.26
O3' MG7 D . 6.16 3.45 10.85
ZN ZN E . 1.57 -1.00 -6.93
N9 MG7 F . -0.22 0.21 -11.43
C8 MG7 F . -1.51 -0.09 -11.35
N7 MG7 F . -1.62 -1.35 -10.91
C5 MG7 F . -0.38 -1.88 -10.70
C6 MG7 F . 0.27 -3.22 -10.20
O6 MG7 F . -0.33 -4.19 -9.88
N1 MG7 F . 1.70 -3.34 -10.13
C2 MG7 F . 2.57 -2.27 -10.56
N2 MG7 F . 4.02 -2.37 -10.50
N3 MG7 F . 1.98 -1.00 -10.98
C4 MG7 F . 0.50 -0.85 -11.06
O5' MG7 F . 4.47 1.50 -11.81
C5' MG7 F . 3.70 2.69 -11.61
C4' MG7 F . 2.33 2.62 -12.24
O4' MG7 F . 1.78 1.30 -12.08
C1' MG7 F . 0.39 1.44 -11.92
CN7 MG7 F . -3.04 -1.61 -10.81
C2' MG7 F . 0.24 2.67 -11.05
O2' MG7 F . -1.08 3.16 -11.07
C3' MG7 F . 1.28 3.60 -11.68
O3' MG7 F . 0.66 4.29 -12.75
#